data_6RGN
#
_entry.id   6RGN
#
_cell.length_a   51.428
_cell.length_b   51.428
_cell.length_c   82.712
_cell.angle_alpha   90.00
_cell.angle_beta   90.00
_cell.angle_gamma   90.00
#
_symmetry.space_group_name_H-M   'P 43 21 2'
#
loop_
_entity.id
_entity.type
_entity.pdbx_description
1 polymer 'DUF3120 domain-containing protein'
2 non-polymer 'SULFATE ION'
3 non-polymer 'SODIUM ION'
4 water water
#
_entity_poly.entity_id   1
_entity_poly.type   'polypeptide(L)'
_entity_poly.pdbx_seq_one_letter_code
;MGSSHHHHHHSSGLVPRGSHMLSNNVNPVVGLSYRPLPETPPSGQAAAHPSMRLLEPNNDEFVRSVASPRLHHSSEALRE
VKHDVRQFQASGDRSLQQLRDLEVALNHWEASQPREFAKRGGMVAELRTAIDAYKQQLHEQAPSHANLDVK
;
_entity_poly.pdbx_strand_id   A
#
loop_
_chem_comp.id
_chem_comp.type
_chem_comp.name
_chem_comp.formula
NA non-polymer 'SODIUM ION' 'Na 1'
SO4 non-polymer 'SULFATE ION' 'O4 S -2'
#
# COMPACT_ATOMS: atom_id res chain seq x y z
N HIS A 49 13.01 1.95 -11.10
CA HIS A 49 11.84 1.07 -11.26
C HIS A 49 10.54 1.89 -11.17
N PRO A 50 9.73 1.94 -12.26
CA PRO A 50 8.51 2.75 -12.27
C PRO A 50 7.43 2.41 -11.25
N SER A 51 7.43 1.19 -10.65
CA SER A 51 6.57 0.78 -9.51
C SER A 51 6.73 1.80 -8.38
N MET A 52 7.96 2.30 -8.18
CA MET A 52 8.27 3.23 -7.06
C MET A 52 7.36 4.47 -7.10
N ARG A 53 6.75 4.83 -8.23
CA ARG A 53 5.88 6.03 -8.25
C ARG A 53 4.74 5.81 -7.25
N LEU A 54 4.37 4.56 -6.97
CA LEU A 54 3.20 4.26 -6.14
C LEU A 54 3.42 4.67 -4.67
N LEU A 55 4.65 4.83 -4.20
CA LEU A 55 4.83 5.32 -2.82
C LEU A 55 5.57 6.65 -2.79
N GLU A 56 5.81 7.26 -3.93
CA GLU A 56 6.21 8.69 -4.03
C GLU A 56 5.19 9.48 -3.22
N PRO A 57 5.63 10.44 -2.36
CA PRO A 57 4.76 10.98 -1.34
C PRO A 57 3.49 11.63 -1.86
N ASN A 58 3.52 12.30 -3.02
CA ASN A 58 2.34 12.93 -3.61
C ASN A 58 1.44 11.96 -4.38
N ASN A 59 1.85 10.72 -4.65
CA ASN A 59 1.13 9.79 -5.56
C ASN A 59 -0.15 9.27 -4.88
N ASP A 60 -1.28 9.29 -5.56
CA ASP A 60 -2.58 8.81 -5.05
C ASP A 60 -3.10 7.61 -5.89
N GLU A 61 -2.31 7.05 -6.80
CA GLU A 61 -2.81 6.00 -7.72
C GLU A 61 -3.27 4.77 -6.95
N PHE A 62 -2.51 4.32 -5.97
CA PHE A 62 -2.89 3.12 -5.19
C PHE A 62 -4.21 3.35 -4.47
N VAL A 63 -4.29 4.42 -3.67
CA VAL A 63 -5.57 4.70 -2.95
C VAL A 63 -6.71 4.91 -3.96
N ARG A 64 -6.49 5.53 -5.10
CA ARG A 64 -7.63 5.62 -6.09
C ARG A 64 -8.07 4.21 -6.50
N SER A 65 -7.14 3.28 -6.68
CA SER A 65 -7.38 1.95 -7.28
C SER A 65 -8.24 1.10 -6.32
N VAL A 66 -8.16 1.38 -5.02
CA VAL A 66 -8.97 0.69 -3.98
C VAL A 66 -10.24 1.50 -3.58
N ALA A 67 -10.56 2.58 -4.26
CA ALA A 67 -11.86 3.31 -4.11
C ALA A 67 -13.01 2.50 -4.70
N SER A 68 -14.20 2.63 -4.11
CA SER A 68 -15.47 2.07 -4.65
C SER A 68 -16.34 3.22 -5.14
N PRO A 69 -16.50 3.45 -6.47
CA PRO A 69 -17.42 4.47 -6.94
C PRO A 69 -18.89 4.15 -6.60
N ARG A 70 -19.24 2.88 -6.50
CA ARG A 70 -20.62 2.47 -6.11
C ARG A 70 -20.81 2.71 -4.59
N LEU A 71 -19.73 3.13 -3.90
CA LEU A 71 -19.67 3.68 -2.50
C LEU A 71 -19.83 2.54 -1.49
N HIS A 72 -19.55 1.31 -1.89
CA HIS A 72 -19.36 0.19 -0.93
C HIS A 72 -18.32 0.63 0.14
N HIS A 73 -18.62 0.42 1.43
CA HIS A 73 -17.74 0.77 2.58
C HIS A 73 -16.45 -0.09 2.47
N SER A 74 -15.27 0.48 2.78
CA SER A 74 -14.00 -0.30 2.84
C SER A 74 -13.92 -1.07 4.17
N SER A 75 -13.42 -2.29 4.16
CA SER A 75 -13.18 -3.10 5.38
C SER A 75 -12.14 -2.35 6.22
N GLU A 76 -12.10 -2.66 7.51
CA GLU A 76 -11.10 -2.11 8.47
C GLU A 76 -9.74 -2.51 7.93
N ALA A 77 -9.59 -3.71 7.38
CA ALA A 77 -8.30 -4.21 6.85
C ALA A 77 -7.84 -3.29 5.71
N LEU A 78 -8.76 -2.88 4.84
CA LEU A 78 -8.42 -2.04 3.66
C LEU A 78 -8.12 -0.63 4.20
N ARG A 79 -8.87 -0.12 5.17
CA ARG A 79 -8.61 1.25 5.73
C ARG A 79 -7.22 1.29 6.37
N GLU A 80 -6.79 0.21 7.02
CA GLU A 80 -5.42 0.14 7.60
CA GLU A 80 -5.43 0.09 7.61
C GLU A 80 -4.38 0.13 6.48
N VAL A 81 -4.63 -0.58 5.39
CA VAL A 81 -3.69 -0.54 4.25
C VAL A 81 -3.55 0.90 3.76
N LYS A 82 -4.66 1.58 3.49
CA LYS A 82 -4.60 2.95 2.91
C LYS A 82 -3.87 3.87 3.88
N HIS A 83 -4.17 3.72 5.16
CA HIS A 83 -3.52 4.55 6.18
C HIS A 83 -2.01 4.29 6.18
N ASP A 84 -1.61 3.03 6.11
CA ASP A 84 -0.17 2.69 6.09
C ASP A 84 0.55 3.22 4.83
N VAL A 85 -0.07 3.18 3.66
CA VAL A 85 0.47 3.82 2.44
C VAL A 85 0.77 5.30 2.77
N ARG A 86 -0.22 6.01 3.31
CA ARG A 86 -0.08 7.47 3.60
C ARG A 86 0.97 7.74 4.70
N GLN A 87 1.05 6.87 5.70
CA GLN A 87 2.03 7.06 6.79
C GLN A 87 3.43 6.90 6.17
N PHE A 88 3.68 5.88 5.37
CA PHE A 88 5.00 5.70 4.75
C PHE A 88 5.36 6.96 3.94
N GLN A 89 4.44 7.44 3.11
CA GLN A 89 4.58 8.65 2.26
C GLN A 89 4.90 9.87 3.12
N ALA A 90 4.23 9.99 4.27
CA ALA A 90 4.28 11.20 5.11
C ALA A 90 5.74 11.58 5.43
N SER A 91 6.59 10.60 5.69
CA SER A 91 8.04 10.82 6.02
C SER A 91 8.87 11.06 4.75
N GLY A 92 8.29 10.97 3.57
CA GLY A 92 9.08 11.01 2.35
C GLY A 92 9.85 9.69 2.29
N ASP A 93 9.16 8.59 2.58
CA ASP A 93 9.59 7.21 2.26
C ASP A 93 10.82 6.82 3.06
N ARG A 94 10.95 7.24 4.32
CA ARG A 94 12.22 7.03 5.07
CA ARG A 94 12.21 7.06 5.09
C ARG A 94 12.13 5.91 6.10
N SER A 95 10.93 5.39 6.39
CA SER A 95 10.77 4.41 7.51
C SER A 95 10.71 2.96 7.03
N LEU A 96 11.73 2.11 7.28
CA LEU A 96 11.63 0.63 6.98
C LEU A 96 10.59 0.00 7.92
N GLN A 97 10.45 0.51 9.15
CA GLN A 97 9.43 -0.06 10.08
C GLN A 97 8.03 0.18 9.52
N GLN A 98 7.75 1.39 9.06
CA GLN A 98 6.43 1.71 8.44
C GLN A 98 6.23 0.87 7.16
N LEU A 99 7.28 0.64 6.40
CA LEU A 99 7.17 -0.05 5.09
C LEU A 99 6.80 -1.50 5.37
N ARG A 100 7.47 -2.09 6.36
CA ARG A 100 7.14 -3.45 6.89
C ARG A 100 5.65 -3.51 7.30
N ASP A 101 5.17 -2.50 8.00
CA ASP A 101 3.78 -2.51 8.49
C ASP A 101 2.84 -2.56 7.30
N LEU A 102 3.14 -1.76 6.25
CA LEU A 102 2.33 -1.76 5.03
C LEU A 102 2.30 -3.15 4.40
N GLU A 103 3.42 -3.82 4.34
CA GLU A 103 3.52 -5.15 3.71
C GLU A 103 2.67 -6.17 4.50
N VAL A 104 2.76 -6.16 5.84
CA VAL A 104 1.98 -7.03 6.76
C VAL A 104 0.46 -6.72 6.58
N ALA A 105 0.11 -5.45 6.44
CA ALA A 105 -1.28 -4.95 6.34
C ALA A 105 -1.88 -5.42 5.02
N LEU A 106 -1.12 -5.46 3.92
CA LEU A 106 -1.54 -6.08 2.65
C LEU A 106 -1.78 -7.59 2.80
N ASN A 107 -0.92 -8.33 3.52
CA ASN A 107 -1.16 -9.77 3.79
C ASN A 107 -2.44 -9.93 4.61
N HIS A 108 -2.62 -9.13 5.67
CA HIS A 108 -3.85 -9.21 6.51
C HIS A 108 -5.09 -8.98 5.63
N TRP A 109 -5.06 -7.99 4.75
CA TRP A 109 -6.21 -7.68 3.86
C TRP A 109 -6.50 -8.88 2.95
N GLU A 110 -5.44 -9.42 2.30
CA GLU A 110 -5.57 -10.59 1.40
C GLU A 110 -6.11 -11.79 2.16
N ALA A 111 -5.65 -12.05 3.38
CA ALA A 111 -6.12 -13.19 4.18
C ALA A 111 -7.58 -12.98 4.59
N SER A 112 -7.99 -11.77 5.02
CA SER A 112 -9.22 -11.63 5.88
C SER A 112 -10.44 -11.14 5.06
N GLN A 113 -10.21 -10.61 3.86
CA GLN A 113 -11.27 -10.00 3.03
C GLN A 113 -11.10 -10.50 1.60
N PRO A 114 -11.25 -11.83 1.35
CA PRO A 114 -10.93 -12.32 0.01
C PRO A 114 -11.72 -11.64 -1.10
N ARG A 115 -13.03 -11.44 -0.94
CA ARG A 115 -13.86 -10.92 -2.07
C ARG A 115 -13.47 -9.44 -2.34
N GLU A 116 -13.23 -8.66 -1.30
CA GLU A 116 -12.82 -7.22 -1.47
C GLU A 116 -11.43 -7.15 -2.10
N PHE A 117 -10.53 -8.01 -1.65
CA PHE A 117 -9.15 -8.11 -2.20
C PHE A 117 -9.17 -8.40 -3.71
N ALA A 118 -9.95 -9.44 -4.09
CA ALA A 118 -10.03 -9.91 -5.49
C ALA A 118 -10.64 -8.77 -6.30
N LYS A 119 -11.57 -8.03 -5.69
CA LYS A 119 -12.28 -6.99 -6.45
C LYS A 119 -11.44 -5.73 -6.56
N ARG A 120 -10.80 -5.29 -5.46
CA ARG A 120 -10.18 -3.94 -5.36
C ARG A 120 -8.65 -4.02 -5.46
N GLY A 121 -8.10 -5.20 -5.62
CA GLY A 121 -6.66 -5.41 -5.43
C GLY A 121 -5.84 -5.41 -6.69
N GLY A 122 -6.36 -4.87 -7.77
CA GLY A 122 -5.65 -4.84 -9.07
C GLY A 122 -4.28 -4.19 -9.03
N MET A 123 -3.97 -3.28 -8.11
CA MET A 123 -2.62 -2.64 -8.12
C MET A 123 -1.73 -3.19 -7.00
N VAL A 124 -2.15 -4.27 -6.32
CA VAL A 124 -1.40 -4.83 -5.17
C VAL A 124 -0.05 -5.36 -5.66
N ALA A 125 0.02 -6.15 -6.74
CA ALA A 125 1.31 -6.70 -7.22
C ALA A 125 2.31 -5.55 -7.40
N GLU A 126 1.87 -4.50 -8.06
CA GLU A 126 2.73 -3.33 -8.34
C GLU A 126 3.11 -2.63 -7.05
N LEU A 127 2.21 -2.42 -6.10
CA LEU A 127 2.56 -1.83 -4.80
C LEU A 127 3.58 -2.71 -4.07
N ARG A 128 3.39 -4.04 -4.09
CA ARG A 128 4.38 -4.96 -3.43
C ARG A 128 5.75 -4.89 -4.13
N THR A 129 5.76 -4.67 -5.43
CA THR A 129 7.01 -4.51 -6.20
C THR A 129 7.61 -3.17 -5.72
N ALA A 130 6.79 -2.12 -5.45
CA ALA A 130 7.33 -0.81 -5.03
C ALA A 130 7.95 -0.91 -3.64
N ILE A 131 7.21 -1.55 -2.71
CA ILE A 131 7.70 -1.90 -1.36
C ILE A 131 9.11 -2.53 -1.44
N ASP A 132 9.34 -3.55 -2.27
CA ASP A 132 10.64 -4.26 -2.36
C ASP A 132 11.73 -3.28 -2.82
N ALA A 133 11.39 -2.37 -3.73
CA ALA A 133 12.36 -1.40 -4.30
C ALA A 133 12.78 -0.39 -3.21
N TYR A 134 11.81 0.12 -2.46
CA TYR A 134 12.11 1.02 -1.33
C TYR A 134 12.79 0.24 -0.22
N LYS A 135 12.40 -1.01 0.04
CA LYS A 135 13.23 -1.81 0.98
C LYS A 135 14.70 -1.84 0.53
N GLN A 136 15.01 -2.15 -0.73
CA GLN A 136 16.41 -2.21 -1.25
C GLN A 136 17.10 -0.86 -1.00
N GLN A 137 16.45 0.22 -1.39
CA GLN A 137 17.00 1.59 -1.26
C GLN A 137 17.30 1.92 0.21
N LEU A 138 16.42 1.52 1.14
CA LEU A 138 16.66 1.80 2.59
C LEU A 138 17.76 0.89 3.16
N HIS A 139 17.86 -0.34 2.69
CA HIS A 139 18.94 -1.31 3.05
C HIS A 139 20.30 -0.76 2.60
N GLU A 140 20.34 -0.12 1.43
CA GLU A 140 21.57 0.45 0.81
C GLU A 140 21.98 1.72 1.56
N GLN A 141 21.02 2.43 2.17
CA GLN A 141 21.16 3.58 3.11
C GLN A 141 20.74 4.85 2.37
S SO4 B . -16.90 -0.70 -7.27
O1 SO4 B . -17.71 0.48 -7.48
O2 SO4 B . -15.56 -0.45 -7.77
O3 SO4 B . -16.82 -0.98 -5.86
O4 SO4 B . -17.50 -1.84 -7.97
S SO4 C . 13.70 -7.75 3.59
O1 SO4 C . 14.57 -7.28 2.54
O2 SO4 C . 13.54 -6.69 4.56
O3 SO4 C . 14.29 -8.89 4.21
O4 SO4 C . 12.42 -8.09 3.05
S SO4 D . -14.90 -10.90 2.05
O1 SO4 D . -16.28 -10.48 2.16
O2 SO4 D . -14.17 -9.73 1.54
O3 SO4 D . -14.41 -11.25 3.34
O4 SO4 D . -14.80 -12.00 1.21
S SO4 E . -16.36 -4.51 -2.01
O1 SO4 E . -16.62 -3.63 -0.89
O2 SO4 E . -15.19 -4.13 -2.69
O3 SO4 E . -16.19 -5.83 -1.51
O4 SO4 E . -17.48 -4.46 -2.91
NA NA F . 4.58 -9.46 -0.13
#